data_5TCW
#
_entry.id   5TCW
#
_cell.length_a   70.944
_cell.length_b   108.136
_cell.length_c   108.320
_cell.angle_alpha   90.00
_cell.angle_beta   90.00
_cell.angle_gamma   90.00
#
_symmetry.space_group_name_H-M   'I 2 2 2'
#
loop_
_entity.id
_entity.type
_entity.pdbx_description
1 polymer '1-aminocyclopropane-1-carboxylate oxidase 1'
2 non-polymer 'ACETATE ION'
3 non-polymer 'NICKEL (II) ION'
#
_entity_poly.entity_id   1
_entity_poly.type   'polypeptide(L)'
_entity_poly.pdbx_seq_one_letter_code
;MENFPIISLDKVNGVERAATMEMIKDACENWGFFELVNHGIPREVMDTVEKMTKGHYKKCMEQRFKELVASKALEGVQAE
VTDMDWESTFFLKHLPISNISEVPDLDEEYREVMRDFAKRLEKLAEELLDLLCENLGLEKGYLKNAFYGSKGPNFGTKVS
NYPPCPKPDLIKGLRAHTDAGGIILLFQDDKVSGLQLLKDGQWIDVPPMRHSIVVNLGDQLEVITNGKYKSVMHRVIAQK
DGARMSLASFYNPGSDAVIYPAPALVEKEAEENKQVYPKFVFDDYMKLYAGLKFQAKEPRFEAMKAMETDVKMDPIATV
;
_entity_poly.pdbx_strand_id   A
#
loop_
_chem_comp.id
_chem_comp.type
_chem_comp.name
_chem_comp.formula
ACT non-polymer 'ACETATE ION' 'C2 H3 O2 -1'
NI non-polymer 'NICKEL (II) ION' 'Ni 2'
#
# COMPACT_ATOMS: atom_id res chain seq x y z
N GLU A 2 -7.61 10.34 20.00
CA GLU A 2 -8.99 9.97 20.45
C GLU A 2 -9.55 8.85 19.57
N ASN A 3 -8.92 7.67 19.67
CA ASN A 3 -9.21 6.48 18.86
C ASN A 3 -8.92 6.62 17.36
N PHE A 4 -8.54 5.50 16.77
CA PHE A 4 -8.20 5.39 15.34
C PHE A 4 -9.43 5.76 14.50
N PRO A 5 -9.24 6.43 13.35
CA PRO A 5 -10.41 6.75 12.53
C PRO A 5 -10.93 5.54 11.73
N ILE A 6 -12.01 4.94 12.20
CA ILE A 6 -12.80 3.98 11.43
C ILE A 6 -13.88 4.81 10.75
N ILE A 7 -13.94 4.74 9.43
CA ILE A 7 -14.79 5.60 8.62
C ILE A 7 -15.73 4.75 7.75
N SER A 8 -17.03 4.90 7.97
CA SER A 8 -18.03 4.25 7.11
C SER A 8 -18.21 5.10 5.85
N LEU A 9 -17.75 4.60 4.71
CA LEU A 9 -17.72 5.39 3.48
C LEU A 9 -19.11 5.55 2.83
N ASP A 10 -20.04 4.63 3.11
CA ASP A 10 -21.45 4.79 2.68
C ASP A 10 -22.10 6.08 3.20
N LYS A 11 -21.69 6.55 4.37
CA LYS A 11 -22.23 7.78 4.99
C LYS A 11 -21.95 9.08 4.21
N VAL A 12 -21.09 9.04 3.19
CA VAL A 12 -20.78 10.23 2.37
C VAL A 12 -21.84 10.63 1.33
N ASN A 13 -22.91 9.82 1.20
CA ASN A 13 -24.08 10.21 0.40
C ASN A 13 -25.36 10.12 1.23
N GLY A 14 -25.32 10.76 2.40
CA GLY A 14 -26.42 10.77 3.36
C GLY A 14 -26.36 11.96 4.28
N VAL A 15 -27.15 11.91 5.35
CA VAL A 15 -27.26 13.03 6.30
C VAL A 15 -26.03 13.22 7.21
N GLU A 16 -25.28 12.14 7.45
CA GLU A 16 -24.08 12.19 8.31
C GLU A 16 -22.80 12.42 7.50
N ARG A 17 -22.88 13.26 6.47
CA ARG A 17 -21.79 13.44 5.53
C ARG A 17 -20.73 14.39 6.10
N ALA A 18 -21.19 15.52 6.61
CA ALA A 18 -20.32 16.55 7.18
C ALA A 18 -19.45 16.00 8.32
N ALA A 19 -20.03 15.13 9.15
CA ALA A 19 -19.29 14.44 10.21
C ALA A 19 -18.24 13.47 9.63
N THR A 20 -18.66 12.68 8.65
CA THR A 20 -17.78 11.71 7.97
C THR A 20 -16.61 12.37 7.23
N MET A 21 -16.88 13.46 6.52
CA MET A 21 -15.82 14.21 5.82
C MET A 21 -14.86 14.89 6.79
N GLU A 22 -15.38 15.39 7.91
CA GLU A 22 -14.55 15.95 8.99
C GLU A 22 -13.69 14.86 9.65
N MET A 23 -14.23 13.64 9.72
CA MET A 23 -13.51 12.47 10.23
C MET A 23 -12.34 12.11 9.31
N ILE A 24 -12.57 12.16 8.00
CA ILE A 24 -11.53 11.97 6.99
C ILE A 24 -10.47 13.09 7.07
N LYS A 25 -10.94 14.32 7.25
CA LYS A 25 -10.06 15.48 7.40
C LYS A 25 -9.12 15.31 8.59
N ASP A 26 -9.69 14.93 9.74
CA ASP A 26 -8.91 14.66 10.97
C ASP A 26 -7.89 13.54 10.74
N ALA A 27 -8.34 12.47 10.08
CA ALA A 27 -7.47 11.34 9.77
C ALA A 27 -6.31 11.76 8.87
N CYS A 28 -6.63 12.52 7.83
CA CYS A 28 -5.62 13.00 6.88
C CYS A 28 -4.57 13.91 7.51
N GLU A 29 -4.99 14.70 8.50
CA GLU A 29 -4.12 15.71 9.13
C GLU A 29 -3.35 15.20 10.34
N ASN A 30 -4.01 14.40 11.19
CA ASN A 30 -3.45 13.98 12.48
C ASN A 30 -3.07 12.50 12.61
N TRP A 31 -3.49 11.65 11.67
CA TRP A 31 -3.16 10.22 11.69
C TRP A 31 -2.39 9.71 10.45
N GLY A 32 -2.63 10.32 9.29
CA GLY A 32 -2.04 9.84 8.02
C GLY A 32 -2.52 8.45 7.59
N PHE A 33 -3.63 8.03 8.18
CA PHE A 33 -4.09 6.64 8.13
C PHE A 33 -5.56 6.63 8.52
N PHE A 34 -6.37 5.86 7.79
CA PHE A 34 -7.73 5.56 8.23
C PHE A 34 -8.18 4.21 7.70
N GLU A 35 -9.19 3.67 8.37
CA GLU A 35 -9.71 2.35 8.07
C GLU A 35 -11.10 2.53 7.50
N LEU A 36 -11.35 1.97 6.32
CA LEU A 36 -12.64 2.11 5.64
C LEU A 36 -13.49 0.87 5.80
N VAL A 37 -14.79 1.08 6.03
CA VAL A 37 -15.80 0.02 5.94
C VAL A 37 -16.97 0.55 5.12
N ASN A 38 -17.73 -0.37 4.54
CA ASN A 38 -18.84 -0.02 3.63
C ASN A 38 -18.33 0.89 2.51
N HIS A 39 -17.50 0.30 1.66
CA HIS A 39 -16.65 1.05 0.71
C HIS A 39 -16.94 0.76 -0.77
N GLY A 40 -18.07 0.11 -1.05
CA GLY A 40 -18.49 -0.17 -2.43
C GLY A 40 -17.75 -1.32 -3.10
N ILE A 41 -17.26 -2.25 -2.29
CA ILE A 41 -16.68 -3.51 -2.78
C ILE A 41 -17.35 -4.60 -1.93
N PRO A 42 -18.22 -5.43 -2.56
CA PRO A 42 -18.95 -6.45 -1.77
C PRO A 42 -18.06 -7.47 -1.07
N ARG A 43 -18.56 -8.05 0.02
CA ARG A 43 -17.91 -9.18 0.69
C ARG A 43 -17.76 -10.38 -0.25
N GLU A 44 -18.75 -10.56 -1.14
CA GLU A 44 -18.68 -11.49 -2.28
C GLU A 44 -17.34 -11.38 -3.03
N VAL A 45 -16.93 -10.17 -3.38
CA VAL A 45 -15.73 -9.95 -4.18
C VAL A 45 -14.44 -10.18 -3.36
N MET A 46 -14.40 -9.62 -2.15
CA MET A 46 -13.22 -9.72 -1.27
C MET A 46 -12.91 -11.17 -0.87
N ASP A 47 -13.94 -11.93 -0.50
CA ASP A 47 -13.79 -13.34 -0.16
C ASP A 47 -13.38 -14.20 -1.37
N THR A 48 -13.82 -13.80 -2.57
CA THR A 48 -13.38 -14.46 -3.80
C THR A 48 -11.89 -14.22 -4.05
N VAL A 49 -11.44 -13.00 -3.81
CA VAL A 49 -10.01 -12.65 -3.92
C VAL A 49 -9.19 -13.44 -2.89
N GLU A 50 -9.72 -13.51 -1.66
CA GLU A 50 -9.04 -14.21 -0.55
C GLU A 50 -8.91 -15.72 -0.79
N LYS A 51 -10.03 -16.35 -1.15
CA LYS A 51 -10.08 -17.81 -1.37
C LYS A 51 -9.08 -18.27 -2.43
N MET A 52 -9.08 -17.57 -3.56
CA MET A 52 -8.25 -17.95 -4.71
C MET A 52 -6.76 -17.62 -4.55
N THR A 53 -6.44 -16.52 -3.84
CA THR A 53 -5.06 -16.18 -3.53
C THR A 53 -4.42 -17.24 -2.64
N LYS A 54 -5.15 -17.67 -1.61
CA LYS A 54 -4.71 -18.73 -0.71
C LYS A 54 -4.61 -20.09 -1.42
N GLY A 55 -5.47 -20.30 -2.41
CA GLY A 55 -5.37 -21.47 -3.29
C GLY A 55 -4.09 -21.48 -4.10
N HIS A 56 -3.80 -20.36 -4.75
CA HIS A 56 -2.55 -20.18 -5.50
C HIS A 56 -1.31 -20.30 -4.60
N TYR A 57 -1.41 -19.75 -3.39
CA TYR A 57 -0.35 -19.85 -2.40
C TYR A 57 -0.07 -21.31 -2.01
N LYS A 58 -1.12 -22.10 -1.83
CA LYS A 58 -0.99 -23.53 -1.47
C LYS A 58 -0.32 -24.36 -2.58
N LYS A 59 -0.59 -24.00 -3.84
CA LYS A 59 0.06 -24.65 -4.98
C LYS A 59 1.56 -24.36 -4.98
N CYS A 60 1.91 -23.08 -4.81
CA CYS A 60 3.32 -22.65 -4.74
C CYS A 60 4.09 -23.30 -3.60
N MET A 61 3.45 -23.49 -2.44
CA MET A 61 4.11 -24.11 -1.27
C MET A 61 4.31 -25.62 -1.44
N GLU A 62 3.33 -26.31 -2.02
CA GLU A 62 3.48 -27.73 -2.34
C GLU A 62 4.57 -27.96 -3.40
N GLN A 63 4.59 -27.09 -4.41
CA GLN A 63 5.65 -27.12 -5.43
C GLN A 63 7.03 -26.84 -4.82
N ARG A 64 7.09 -25.83 -3.96
CA ARG A 64 8.35 -25.44 -3.29
C ARG A 64 8.93 -26.56 -2.41
N PHE A 65 8.06 -27.32 -1.76
CA PHE A 65 8.50 -28.42 -0.90
C PHE A 65 9.10 -29.57 -1.72
N LYS A 66 8.44 -29.94 -2.82
CA LYS A 66 8.97 -30.96 -3.75
C LYS A 66 10.36 -30.63 -4.25
N GLU A 67 10.56 -29.36 -4.61
CA GLU A 67 11.87 -28.86 -5.05
C GLU A 67 12.87 -28.83 -3.90
N LEU A 68 12.41 -28.46 -2.71
CA LEU A 68 13.26 -28.45 -1.51
C LEU A 68 13.73 -29.85 -1.12
N VAL A 69 12.80 -30.81 -1.16
CA VAL A 69 13.12 -32.21 -0.87
C VAL A 69 14.16 -32.74 -1.86
N ALA A 70 13.98 -32.43 -3.14
CA ALA A 70 14.89 -32.87 -4.19
C ALA A 70 16.27 -32.20 -4.13
N SER A 71 16.28 -30.88 -3.94
CA SER A 71 17.53 -30.12 -3.89
C SER A 71 18.36 -30.45 -2.64
N LYS A 72 17.70 -30.61 -1.50
CA LYS A 72 18.35 -31.06 -0.27
C LYS A 72 18.87 -32.49 -0.37
N ALA A 73 18.12 -33.36 -1.05
CA ALA A 73 18.52 -34.77 -1.24
C ALA A 73 19.85 -34.92 -1.98
N LEU A 74 20.15 -33.99 -2.89
CA LEU A 74 21.46 -33.94 -3.57
C LEU A 74 22.65 -33.84 -2.60
N GLU A 75 22.46 -33.12 -1.50
CA GLU A 75 23.50 -32.95 -0.47
C GLU A 75 23.53 -34.10 0.57
N GLY A 76 22.74 -35.16 0.36
CA GLY A 76 22.61 -36.24 1.34
C GLY A 76 21.90 -35.81 2.61
N VAL A 77 20.96 -34.87 2.46
CA VAL A 77 20.22 -34.28 3.58
C VAL A 77 18.72 -34.41 3.33
N GLN A 78 17.99 -34.80 4.37
CA GLN A 78 16.54 -34.88 4.31
C GLN A 78 15.96 -33.51 4.59
N ALA A 79 15.09 -33.05 3.69
CA ALA A 79 14.35 -31.80 3.89
C ALA A 79 13.21 -32.06 4.87
N GLU A 80 13.07 -31.17 5.85
CA GLU A 80 11.94 -31.17 6.77
C GLU A 80 10.99 -30.08 6.34
N VAL A 81 9.78 -30.10 6.91
CA VAL A 81 8.77 -29.05 6.66
C VAL A 81 9.22 -27.75 7.32
N THR A 82 9.94 -27.87 8.44
CA THR A 82 10.54 -26.75 9.14
C THR A 82 11.59 -25.96 8.33
N ASP A 83 12.17 -26.58 7.29
CA ASP A 83 13.07 -25.89 6.36
C ASP A 83 12.36 -24.98 5.33
N MET A 84 11.03 -24.93 5.36
CA MET A 84 10.27 -24.14 4.40
C MET A 84 10.44 -22.63 4.56
N ASP A 85 10.69 -21.96 3.43
CA ASP A 85 10.46 -20.54 3.28
C ASP A 85 8.98 -20.41 2.94
N TRP A 86 8.17 -20.02 3.91
CA TRP A 86 6.73 -19.84 3.71
C TRP A 86 6.36 -18.52 3.04
N GLU A 87 7.30 -17.58 2.95
CA GLU A 87 7.05 -16.28 2.33
C GLU A 87 6.91 -16.41 0.81
N SER A 88 5.86 -15.80 0.25
CA SER A 88 5.64 -15.75 -1.19
C SER A 88 5.01 -14.41 -1.53
N THR A 89 5.64 -13.67 -2.45
CA THR A 89 5.17 -12.35 -2.86
C THR A 89 5.33 -12.15 -4.36
N PHE A 90 4.29 -11.58 -4.98
CA PHE A 90 4.32 -11.19 -6.39
C PHE A 90 3.52 -9.90 -6.61
N PHE A 91 3.94 -9.11 -7.60
CA PHE A 91 3.35 -7.81 -7.91
CA PHE A 91 3.35 -7.81 -7.91
C PHE A 91 2.51 -7.91 -9.19
N LEU A 92 1.41 -7.15 -9.23
CA LEU A 92 0.52 -7.08 -10.40
C LEU A 92 0.39 -5.62 -10.82
N LYS A 93 0.81 -5.30 -12.04
CA LYS A 93 0.63 -3.95 -12.57
C LYS A 93 -0.79 -3.83 -13.14
N HIS A 94 -1.42 -2.68 -12.90
CA HIS A 94 -2.77 -2.38 -13.40
C HIS A 94 -2.74 -1.22 -14.39
N LEU A 95 -2.20 -0.08 -13.95
CA LEU A 95 -2.00 1.09 -14.79
C LEU A 95 -0.50 1.45 -14.86
N PRO A 96 -0.03 2.07 -15.95
CA PRO A 96 -0.81 2.35 -17.17
C PRO A 96 -1.10 1.11 -18.04
N ILE A 97 -0.23 0.10 -18.00
CA ILE A 97 -0.42 -1.14 -18.76
C ILE A 97 -0.64 -2.31 -17.78
N SER A 98 -1.74 -3.03 -17.97
CA SER A 98 -2.11 -4.15 -17.11
C SER A 98 -1.24 -5.37 -17.36
N ASN A 99 -0.44 -5.76 -16.37
CA ASN A 99 0.47 -6.91 -16.47
C ASN A 99 -0.07 -8.22 -15.86
N ILE A 100 -1.38 -8.31 -15.63
CA ILE A 100 -2.00 -9.56 -15.11
C ILE A 100 -1.93 -10.69 -16.13
N SER A 101 -2.05 -10.36 -17.41
CA SER A 101 -1.93 -11.34 -18.51
C SER A 101 -0.58 -12.05 -18.53
N GLU A 102 0.49 -11.33 -18.19
CA GLU A 102 1.87 -11.82 -18.34
C GLU A 102 2.45 -12.55 -17.12
N VAL A 103 1.87 -12.34 -15.93
CA VAL A 103 2.39 -12.94 -14.69
C VAL A 103 2.21 -14.47 -14.73
N PRO A 104 3.29 -15.23 -14.44
CA PRO A 104 3.20 -16.70 -14.56
C PRO A 104 2.39 -17.40 -13.47
N ASP A 105 1.95 -18.62 -13.79
CA ASP A 105 1.42 -19.59 -12.82
C ASP A 105 0.11 -19.17 -12.11
N LEU A 106 -0.79 -18.54 -12.85
CA LEU A 106 -2.11 -18.15 -12.32
C LEU A 106 -3.25 -18.84 -13.09
N ASP A 107 -4.36 -19.08 -12.41
CA ASP A 107 -5.60 -19.54 -13.06
C ASP A 107 -6.18 -18.38 -13.86
N GLU A 108 -6.95 -18.70 -14.90
CA GLU A 108 -7.66 -17.66 -15.67
C GLU A 108 -8.78 -17.04 -14.84
N GLU A 109 -9.48 -17.86 -14.06
CA GLU A 109 -10.50 -17.36 -13.12
C GLU A 109 -9.92 -16.40 -12.07
N TYR A 110 -8.67 -16.63 -11.67
CA TYR A 110 -7.95 -15.74 -10.76
C TYR A 110 -7.61 -14.41 -11.43
N ARG A 111 -7.04 -14.48 -12.64
CA ARG A 111 -6.69 -13.29 -13.45
C ARG A 111 -7.88 -12.34 -13.65
N GLU A 112 -9.04 -12.90 -13.99
CA GLU A 112 -10.26 -12.11 -14.20
C GLU A 112 -10.70 -11.35 -12.95
N VAL A 113 -10.69 -12.02 -11.81
CA VAL A 113 -11.10 -11.42 -10.53
C VAL A 113 -10.15 -10.30 -10.09
N MET A 114 -8.84 -10.48 -10.34
CA MET A 114 -7.86 -9.43 -10.02
C MET A 114 -8.00 -8.21 -10.97
N ARG A 115 -8.37 -8.44 -12.22
CA ARG A 115 -8.71 -7.34 -13.15
C ARG A 115 -9.95 -6.58 -12.67
N ASP A 116 -10.95 -7.32 -12.20
CA ASP A 116 -12.15 -6.73 -11.60
C ASP A 116 -11.85 -6.00 -10.29
N PHE A 117 -11.10 -6.66 -9.41
CA PHE A 117 -10.67 -6.11 -8.11
C PHE A 117 -9.86 -4.82 -8.27
N ALA A 118 -8.96 -4.83 -9.25
CA ALA A 118 -8.15 -3.65 -9.59
C ALA A 118 -8.98 -2.50 -10.13
N LYS A 119 -9.99 -2.81 -10.94
CA LYS A 119 -10.90 -1.78 -11.48
C LYS A 119 -11.70 -1.10 -10.38
N ARG A 120 -12.18 -1.89 -9.42
CA ARG A 120 -12.96 -1.38 -8.28
C ARG A 120 -12.12 -0.49 -7.35
N LEU A 121 -10.90 -0.93 -7.03
CA LEU A 121 -9.98 -0.16 -6.17
C LEU A 121 -9.55 1.18 -6.79
N GLU A 122 -9.33 1.18 -8.09
CA GLU A 122 -9.01 2.39 -8.85
C GLU A 122 -10.08 3.47 -8.68
N LYS A 123 -11.34 3.05 -8.75
CA LYS A 123 -12.48 3.94 -8.54
C LYS A 123 -12.52 4.44 -7.10
N LEU A 124 -12.28 3.53 -6.15
CA LEU A 124 -12.23 3.87 -4.72
C LEU A 124 -11.11 4.86 -4.43
N ALA A 125 -9.93 4.60 -4.97
CA ALA A 125 -8.77 5.48 -4.82
C ALA A 125 -9.05 6.87 -5.39
N GLU A 126 -9.62 6.92 -6.59
CA GLU A 126 -9.98 8.19 -7.23
C GLU A 126 -11.16 8.88 -6.54
N GLU A 127 -12.07 8.11 -5.94
CA GLU A 127 -13.12 8.68 -5.08
C GLU A 127 -12.51 9.35 -3.85
N LEU A 128 -11.63 8.62 -3.16
CA LEU A 128 -10.96 9.12 -1.96
C LEU A 128 -10.17 10.39 -2.25
N LEU A 129 -9.43 10.39 -3.36
CA LEU A 129 -8.67 11.58 -3.78
C LEU A 129 -9.56 12.80 -3.99
N ASP A 130 -10.76 12.61 -4.55
CA ASP A 130 -11.75 13.69 -4.67
C ASP A 130 -12.27 14.18 -3.31
N LEU A 131 -12.44 13.27 -2.35
CA LEU A 131 -12.85 13.66 -1.00
C LEU A 131 -11.75 14.48 -0.30
N LEU A 132 -10.50 14.08 -0.51
CA LEU A 132 -9.35 14.89 -0.06
C LEU A 132 -9.31 16.25 -0.76
N CYS A 133 -9.54 16.26 -2.07
CA CYS A 133 -9.61 17.51 -2.85
C CYS A 133 -10.62 18.49 -2.27
N GLU A 134 -11.78 17.97 -1.86
CA GLU A 134 -12.83 18.78 -1.25
C GLU A 134 -12.43 19.34 0.12
N ASN A 135 -11.92 18.48 0.99
CA ASN A 135 -11.44 18.90 2.32
C ASN A 135 -10.31 19.92 2.24
N LEU A 136 -9.43 19.77 1.26
CA LEU A 136 -8.31 20.70 1.06
C LEU A 136 -8.72 22.05 0.46
N GLY A 137 -9.79 22.04 -0.34
CA GLY A 137 -10.26 23.22 -1.07
C GLY A 137 -9.67 23.28 -2.46
N LEU A 138 -9.79 22.16 -3.18
CA LEU A 138 -9.26 22.01 -4.53
C LEU A 138 -10.35 21.45 -5.44
N GLU A 139 -10.24 21.73 -6.73
CA GLU A 139 -11.22 21.28 -7.72
C GLU A 139 -11.22 19.75 -7.84
N LYS A 140 -12.38 19.19 -8.19
CA LYS A 140 -12.53 17.74 -8.37
C LYS A 140 -11.53 17.21 -9.41
N GLY A 141 -10.87 16.10 -9.07
CA GLY A 141 -9.89 15.49 -9.95
C GLY A 141 -8.55 16.21 -10.06
N TYR A 142 -8.25 17.11 -9.12
CA TYR A 142 -6.96 17.81 -9.11
C TYR A 142 -5.81 16.84 -8.84
N LEU A 143 -5.98 16.00 -7.82
CA LEU A 143 -4.97 15.01 -7.46
C LEU A 143 -4.85 13.90 -8.51
N LYS A 144 -5.96 13.51 -9.12
CA LYS A 144 -5.93 12.57 -10.26
C LYS A 144 -5.16 13.20 -11.43
N ASN A 145 -5.45 14.47 -11.72
CA ASN A 145 -4.75 15.23 -12.76
C ASN A 145 -3.25 15.30 -12.48
N ALA A 146 -2.88 15.80 -11.30
CA ALA A 146 -1.48 15.92 -10.89
C ALA A 146 -0.71 14.60 -10.93
N PHE A 147 -1.39 13.50 -10.63
CA PHE A 147 -0.79 12.15 -10.67
C PHE A 147 -0.60 11.62 -12.09
N TYR A 148 -1.20 12.26 -13.10
CA TYR A 148 -1.34 11.66 -14.43
C TYR A 148 -0.05 11.68 -15.25
N GLY A 149 0.57 12.85 -15.35
CA GLY A 149 1.74 13.03 -16.22
C GLY A 149 1.33 12.93 -17.67
N SER A 150 1.96 12.02 -18.42
CA SER A 150 1.62 11.77 -19.83
C SER A 150 0.84 10.49 -20.00
N LYS A 151 1.45 9.37 -19.61
CA LYS A 151 0.87 8.03 -19.81
C LYS A 151 -0.30 7.75 -18.85
N GLY A 152 -0.20 8.25 -17.62
CA GLY A 152 -1.18 7.98 -16.56
C GLY A 152 -0.48 7.57 -15.26
N PRO A 153 -1.26 7.40 -14.17
CA PRO A 153 -0.68 7.11 -12.86
C PRO A 153 -0.25 5.65 -12.73
N ASN A 154 0.80 5.41 -11.94
CA ASN A 154 1.26 4.06 -11.64
C ASN A 154 0.33 3.45 -10.60
N PHE A 155 -0.31 2.33 -10.95
CA PHE A 155 -1.20 1.62 -10.04
C PHE A 155 -0.90 0.13 -10.09
N GLY A 156 -0.78 -0.49 -8.93
CA GLY A 156 -0.46 -1.91 -8.84
C GLY A 156 -0.65 -2.47 -7.45
N THR A 157 -0.69 -3.80 -7.36
CA THR A 157 -0.98 -4.50 -6.11
C THR A 157 0.15 -5.48 -5.78
N LYS A 158 0.69 -5.37 -4.57
CA LYS A 158 1.62 -6.35 -4.02
C LYS A 158 0.78 -7.41 -3.32
N VAL A 159 0.87 -8.65 -3.80
CA VAL A 159 0.11 -9.77 -3.22
C VAL A 159 1.11 -10.67 -2.51
N SER A 160 1.02 -10.72 -1.19
CA SER A 160 1.98 -11.49 -0.38
C SER A 160 1.28 -12.41 0.62
N ASN A 161 1.87 -13.59 0.81
CA ASN A 161 1.45 -14.56 1.82
C ASN A 161 2.67 -14.93 2.68
N TYR A 162 2.47 -15.03 3.99
CA TYR A 162 3.60 -15.14 4.93
C TYR A 162 3.21 -15.89 6.21
N PRO A 163 4.21 -16.45 6.92
CA PRO A 163 3.96 -17.03 8.24
C PRO A 163 3.96 -15.95 9.35
N PRO A 164 3.59 -16.33 10.58
CA PRO A 164 3.78 -15.41 11.71
C PRO A 164 5.25 -15.36 12.15
N CYS A 165 5.62 -14.30 12.86
CA CYS A 165 6.97 -14.15 13.39
C CYS A 165 7.22 -15.17 14.51
N PRO A 166 8.42 -15.81 14.56
CA PRO A 166 8.74 -16.79 15.62
C PRO A 166 8.52 -16.28 17.04
N LYS A 167 8.96 -15.06 17.32
CA LYS A 167 8.68 -14.37 18.57
C LYS A 167 8.64 -12.85 18.32
N PRO A 168 7.77 -12.12 19.05
CA PRO A 168 7.63 -10.68 18.82
C PRO A 168 8.88 -9.85 19.22
N ASP A 169 9.68 -10.37 20.16
CA ASP A 169 10.91 -9.71 20.60
C ASP A 169 11.99 -9.60 19.51
N LEU A 170 11.96 -10.52 18.54
CA LEU A 170 12.86 -10.46 17.38
C LEU A 170 12.61 -9.22 16.53
N ILE A 171 11.35 -8.79 16.47
CA ILE A 171 10.96 -7.49 15.90
C ILE A 171 10.89 -6.47 17.04
N LYS A 172 12.07 -6.09 17.56
CA LYS A 172 12.20 -5.08 18.62
C LYS A 172 12.87 -3.84 18.03
N GLY A 173 14.10 -4.03 17.55
CA GLY A 173 14.87 -2.95 16.91
C GLY A 173 14.81 -3.04 15.40
N LEU A 174 13.59 -3.07 14.87
CA LEU A 174 13.35 -3.19 13.43
C LEU A 174 12.88 -1.85 12.88
N ARG A 175 13.42 -1.48 11.71
CA ARG A 175 13.29 -0.11 11.20
C ARG A 175 11.93 0.12 10.55
N ALA A 176 11.38 1.31 10.78
CA ALA A 176 10.08 1.72 10.24
C ALA A 176 10.26 2.71 9.09
N HIS A 177 9.16 3.14 8.48
CA HIS A 177 9.20 4.00 7.29
C HIS A 177 7.89 4.73 7.01
N THR A 178 7.98 5.73 6.13
CA THR A 178 6.82 6.27 5.44
C THR A 178 6.83 5.74 4.02
N ASP A 179 5.64 5.65 3.40
CA ASP A 179 5.50 5.21 2.02
C ASP A 179 5.87 6.35 1.07
N ALA A 180 6.72 6.06 0.09
CA ALA A 180 7.19 7.07 -0.87
C ALA A 180 6.13 7.51 -1.89
N GLY A 181 5.09 6.69 -2.08
CA GLY A 181 4.09 6.92 -3.13
C GLY A 181 2.98 7.90 -2.81
N GLY A 182 1.83 7.69 -3.44
CA GLY A 182 0.71 8.62 -3.36
C GLY A 182 -0.28 8.25 -2.28
N ILE A 183 -1.16 7.30 -2.59
CA ILE A 183 -2.14 6.76 -1.64
C ILE A 183 -2.09 5.24 -1.71
N ILE A 184 -2.18 4.58 -0.56
CA ILE A 184 -1.99 3.14 -0.45
C ILE A 184 -3.21 2.52 0.21
N LEU A 185 -3.71 1.43 -0.39
CA LEU A 185 -4.91 0.74 0.09
C LEU A 185 -4.60 -0.71 0.39
N LEU A 186 -4.74 -1.10 1.65
CA LEU A 186 -4.38 -2.43 2.13
C LEU A 186 -5.64 -3.23 2.42
N PHE A 187 -5.75 -4.39 1.78
CA PHE A 187 -6.79 -5.37 2.07
C PHE A 187 -6.12 -6.64 2.58
N GLN A 188 -6.64 -7.18 3.69
CA GLN A 188 -6.09 -8.38 4.30
C GLN A 188 -7.20 -9.38 4.65
N ASP A 189 -6.79 -10.61 4.92
CA ASP A 189 -7.66 -11.61 5.55
C ASP A 189 -7.72 -11.34 7.07
N ASP A 190 -8.56 -12.09 7.77
CA ASP A 190 -8.71 -11.97 9.24
C ASP A 190 -9.27 -10.59 9.63
N LYS A 191 -9.41 -10.35 10.93
CA LYS A 191 -9.62 -9.01 11.45
C LYS A 191 -8.28 -8.29 11.72
N VAL A 192 -7.30 -8.99 12.32
CA VAL A 192 -6.07 -8.36 12.81
C VAL A 192 -5.07 -8.13 11.68
N SER A 193 -4.79 -6.86 11.37
CA SER A 193 -3.81 -6.49 10.36
C SER A 193 -2.35 -6.75 10.78
N GLY A 194 -2.07 -6.64 12.08
CA GLY A 194 -0.69 -6.66 12.57
C GLY A 194 0.07 -5.40 12.23
N LEU A 195 -0.65 -4.33 11.91
CA LEU A 195 -0.07 -3.07 11.43
C LEU A 195 -0.09 -2.04 12.56
N GLN A 196 1.08 -1.44 12.83
CA GLN A 196 1.21 -0.38 13.82
C GLN A 196 1.66 0.89 13.11
N LEU A 197 1.32 2.04 13.70
CA LEU A 197 1.78 3.34 13.20
C LEU A 197 2.27 4.19 14.36
N LEU A 198 3.13 5.14 14.05
CA LEU A 198 3.82 5.94 15.05
C LEU A 198 3.16 7.31 15.19
N LYS A 199 2.65 7.61 16.37
CA LYS A 199 2.01 8.89 16.67
C LYS A 199 2.55 9.43 18.00
N ASP A 200 3.25 10.57 17.93
CA ASP A 200 3.82 11.25 19.11
C ASP A 200 4.78 10.35 19.90
N GLY A 201 5.65 9.66 19.17
CA GLY A 201 6.71 8.83 19.75
C GLY A 201 6.36 7.38 20.09
N GLN A 202 5.08 7.00 19.95
CA GLN A 202 4.61 5.70 20.44
C GLN A 202 3.79 4.92 19.40
N TRP A 203 3.90 3.59 19.45
CA TRP A 203 3.21 2.69 18.52
C TRP A 203 1.74 2.55 18.88
N ILE A 204 0.88 2.75 17.89
CA ILE A 204 -0.54 2.45 18.01
C ILE A 204 -0.88 1.38 16.99
N ASP A 205 -1.58 0.33 17.41
CA ASP A 205 -2.07 -0.70 16.50
C ASP A 205 -3.25 -0.15 15.70
N VAL A 206 -3.31 -0.54 14.42
CA VAL A 206 -4.51 -0.32 13.61
C VAL A 206 -5.56 -1.30 14.12
N PRO A 207 -6.74 -0.80 14.55
CA PRO A 207 -7.74 -1.71 15.12
C PRO A 207 -8.20 -2.79 14.15
N PRO A 208 -8.53 -3.99 14.65
CA PRO A 208 -9.07 -5.02 13.75
C PRO A 208 -10.51 -4.73 13.31
N MET A 209 -10.76 -4.84 12.01
CA MET A 209 -12.11 -4.76 11.44
C MET A 209 -12.25 -5.77 10.32
N ARG A 210 -13.38 -6.48 10.28
CA ARG A 210 -13.65 -7.44 9.21
C ARG A 210 -14.04 -6.69 7.94
N HIS A 211 -13.54 -7.17 6.81
CA HIS A 211 -13.89 -6.66 5.49
C HIS A 211 -13.63 -5.16 5.34
N SER A 212 -12.44 -4.74 5.78
CA SER A 212 -12.04 -3.33 5.75
C SER A 212 -10.87 -3.09 4.80
N ILE A 213 -10.71 -1.84 4.40
CA ILE A 213 -9.59 -1.40 3.58
C ILE A 213 -8.86 -0.33 4.38
N VAL A 214 -7.60 -0.60 4.74
CA VAL A 214 -6.78 0.36 5.49
C VAL A 214 -6.10 1.28 4.48
N VAL A 215 -6.49 2.55 4.49
CA VAL A 215 -5.93 3.56 3.59
C VAL A 215 -4.88 4.36 4.33
N ASN A 216 -3.82 4.75 3.64
CA ASN A 216 -2.83 5.68 4.18
C ASN A 216 -2.16 6.52 3.11
N LEU A 217 -1.67 7.67 3.51
CA LEU A 217 -1.10 8.66 2.60
C LEU A 217 0.41 8.52 2.56
N GLY A 218 0.98 8.65 1.37
CA GLY A 218 2.42 8.61 1.17
C GLY A 218 3.04 9.97 0.98
N ASP A 219 4.34 9.99 0.68
CA ASP A 219 5.15 11.22 0.63
C ASP A 219 4.69 12.23 -0.40
N GLN A 220 4.11 11.76 -1.51
CA GLN A 220 3.71 12.65 -2.61
C GLN A 220 2.53 13.54 -2.24
N LEU A 221 1.53 12.98 -1.55
CA LEU A 221 0.41 13.78 -1.06
C LEU A 221 0.84 14.84 -0.05
N GLU A 222 1.88 14.55 0.74
CA GLU A 222 2.49 15.54 1.64
C GLU A 222 3.13 16.69 0.87
N VAL A 223 3.80 16.39 -0.23
CA VAL A 223 4.40 17.42 -1.09
C VAL A 223 3.30 18.26 -1.76
N ILE A 224 2.27 17.60 -2.27
CA ILE A 224 1.16 18.28 -2.96
C ILE A 224 0.32 19.13 -2.00
N THR A 225 0.14 18.68 -0.75
CA THR A 225 -0.57 19.45 0.28
C THR A 225 0.30 20.42 1.08
N ASN A 226 1.58 20.51 0.74
CA ASN A 226 2.55 21.40 1.40
C ASN A 226 2.66 21.17 2.91
N GLY A 227 2.80 19.89 3.27
CA GLY A 227 2.97 19.48 4.67
C GLY A 227 1.69 19.36 5.49
N LYS A 228 0.54 19.63 4.89
CA LYS A 228 -0.73 19.64 5.62
C LYS A 228 -1.20 18.21 5.92
N TYR A 229 -1.16 17.36 4.90
CA TYR A 229 -1.42 15.92 5.05
C TYR A 229 -0.10 15.16 5.03
N LYS A 230 0.45 14.87 6.21
CA LYS A 230 1.77 14.23 6.32
C LYS A 230 1.69 12.72 6.17
N SER A 231 2.73 12.15 5.56
CA SER A 231 2.90 10.71 5.49
C SER A 231 3.55 10.23 6.78
N VAL A 232 2.90 9.30 7.45
CA VAL A 232 3.24 8.91 8.82
C VAL A 232 4.06 7.62 8.82
N MET A 233 4.93 7.50 9.82
CA MET A 233 5.74 6.30 10.05
C MET A 233 4.90 5.09 10.46
N HIS A 234 5.29 3.90 10.00
CA HIS A 234 4.57 2.66 10.30
C HIS A 234 5.36 1.39 9.96
N ARG A 235 4.86 0.25 10.44
CA ARG A 235 5.45 -1.06 10.20
C ARG A 235 4.39 -2.14 10.33
N VAL A 236 4.39 -3.12 9.41
CA VAL A 236 3.46 -4.25 9.46
C VAL A 236 4.19 -5.50 9.95
N ILE A 237 3.62 -6.18 10.94
CA ILE A 237 4.22 -7.34 11.61
C ILE A 237 3.22 -8.49 11.58
N ALA A 238 3.69 -9.69 11.23
CA ALA A 238 2.82 -10.87 11.16
C ALA A 238 2.50 -11.39 12.56
N GLN A 239 1.23 -11.26 12.96
CA GLN A 239 0.77 -11.69 14.29
C GLN A 239 0.52 -13.19 14.31
N LYS A 240 0.68 -13.79 15.49
CA LYS A 240 0.63 -15.25 15.68
C LYS A 240 -0.69 -15.88 15.23
N ASP A 241 -1.81 -15.19 15.44
CA ASP A 241 -3.13 -15.65 15.00
C ASP A 241 -3.92 -14.49 14.35
N GLY A 242 -3.21 -13.66 13.58
CA GLY A 242 -3.80 -12.55 12.85
C GLY A 242 -3.79 -12.84 11.35
N ALA A 243 -3.52 -11.80 10.55
CA ALA A 243 -3.51 -11.94 9.10
C ALA A 243 -2.25 -12.64 8.62
N ARG A 244 -2.40 -13.47 7.60
CA ARG A 244 -1.27 -14.12 6.90
C ARG A 244 -1.36 -13.95 5.37
N MET A 245 -2.08 -12.90 4.95
CA MET A 245 -2.24 -12.54 3.54
C MET A 245 -2.48 -11.03 3.46
N SER A 246 -1.75 -10.36 2.57
CA SER A 246 -1.84 -8.91 2.38
C SER A 246 -1.96 -8.56 0.91
N LEU A 247 -2.79 -7.57 0.60
CA LEU A 247 -2.89 -7.01 -0.75
C LEU A 247 -2.75 -5.49 -0.68
N ALA A 248 -1.50 -5.05 -0.68
CA ALA A 248 -1.16 -3.63 -0.67
C ALA A 248 -1.22 -3.07 -2.07
N SER A 249 -2.20 -2.19 -2.33
CA SER A 249 -2.38 -1.57 -3.64
C SER A 249 -1.91 -0.12 -3.63
N PHE A 250 -0.89 0.18 -4.44
CA PHE A 250 -0.25 1.49 -4.47
C PHE A 250 -0.75 2.30 -5.67
N TYR A 251 -1.38 3.44 -5.40
CA TYR A 251 -1.79 4.40 -6.43
C TYR A 251 -0.84 5.57 -6.34
N ASN A 252 0.25 5.51 -7.11
CA ASN A 252 1.28 6.56 -7.10
C ASN A 252 1.17 7.41 -8.35
N PRO A 253 1.83 8.59 -8.37
CA PRO A 253 1.88 9.35 -9.61
C PRO A 253 2.62 8.61 -10.73
N GLY A 254 2.36 9.01 -11.97
CA GLY A 254 3.04 8.46 -13.14
C GLY A 254 4.52 8.81 -13.12
N SER A 255 5.33 8.00 -13.81
CA SER A 255 6.79 8.16 -13.81
C SER A 255 7.23 9.60 -14.12
N ASP A 256 6.67 10.15 -15.20
CA ASP A 256 7.02 11.50 -15.67
C ASP A 256 6.17 12.64 -15.08
N ALA A 257 5.40 12.37 -14.03
CA ALA A 257 4.49 13.36 -13.44
C ALA A 257 5.27 14.35 -12.57
N VAL A 258 5.00 15.63 -12.77
CA VAL A 258 5.70 16.71 -12.06
C VAL A 258 4.93 17.02 -10.78
N ILE A 259 5.52 16.68 -9.64
CA ILE A 259 4.88 16.81 -8.33
C ILE A 259 5.36 18.08 -7.63
N TYR A 260 4.42 18.82 -7.04
CA TYR A 260 4.71 20.10 -6.39
C TYR A 260 3.51 20.53 -5.55
N PRO A 261 3.75 21.37 -4.51
CA PRO A 261 2.62 21.85 -3.70
C PRO A 261 1.63 22.70 -4.50
N ALA A 262 0.34 22.44 -4.29
CA ALA A 262 -0.71 23.20 -4.96
C ALA A 262 -0.60 24.69 -4.60
N PRO A 263 -0.54 25.57 -5.62
CA PRO A 263 -0.38 27.02 -5.41
C PRO A 263 -1.27 27.62 -4.32
N ALA A 264 -2.53 27.20 -4.27
CA ALA A 264 -3.51 27.65 -3.28
C ALA A 264 -3.09 27.34 -1.84
N LEU A 265 -2.55 26.13 -1.64
CA LEU A 265 -2.18 25.65 -0.30
C LEU A 265 -0.77 26.13 0.09
N VAL A 266 -0.60 27.44 0.28
CA VAL A 266 0.68 28.04 0.66
C VAL A 266 0.47 29.17 1.67
N GLN A 275 8.69 24.46 5.27
CA GLN A 275 7.91 25.65 4.94
C GLN A 275 7.33 25.57 3.52
N VAL A 276 8.17 25.22 2.54
CA VAL A 276 7.77 25.08 1.14
C VAL A 276 8.36 23.79 0.60
N TYR A 277 7.50 22.89 0.12
CA TYR A 277 7.93 21.60 -0.38
C TYR A 277 8.39 21.72 -1.84
N PRO A 278 9.39 20.91 -2.23
CA PRO A 278 10.05 21.08 -3.53
C PRO A 278 9.22 20.66 -4.75
N LYS A 279 9.67 21.07 -5.92
CA LYS A 279 9.13 20.63 -7.21
C LYS A 279 10.07 19.57 -7.79
N PHE A 280 9.52 18.48 -8.31
CA PHE A 280 10.32 17.39 -8.89
C PHE A 280 9.47 16.42 -9.69
N VAL A 281 10.12 15.68 -10.59
CA VAL A 281 9.46 14.61 -11.33
C VAL A 281 9.51 13.36 -10.46
N PHE A 282 8.42 12.59 -10.47
CA PHE A 282 8.26 11.45 -9.56
C PHE A 282 9.33 10.35 -9.72
N ASP A 283 9.77 10.11 -10.96
CA ASP A 283 10.82 9.11 -11.22
C ASP A 283 12.17 9.49 -10.58
N ASP A 284 12.45 10.78 -10.49
CA ASP A 284 13.67 11.28 -9.82
C ASP A 284 13.63 11.00 -8.31
N TYR A 285 12.44 11.14 -7.71
CA TYR A 285 12.23 10.82 -6.30
C TYR A 285 12.47 9.34 -6.01
N MET A 286 11.94 8.47 -6.87
CA MET A 286 12.13 7.03 -6.74
C MET A 286 13.54 6.58 -7.13
N LYS A 287 14.22 7.36 -7.97
CA LYS A 287 15.65 7.13 -8.28
C LYS A 287 16.55 7.55 -7.12
N LEU A 288 16.15 8.57 -6.35
CA LEU A 288 16.83 8.93 -5.11
C LEU A 288 16.61 7.86 -4.04
N TYR A 289 15.36 7.42 -3.91
CA TYR A 289 14.96 6.32 -3.03
C TYR A 289 15.76 5.04 -3.30
N ALA A 290 15.85 4.66 -4.57
CA ALA A 290 16.60 3.47 -4.98
C ALA A 290 18.12 3.64 -4.91
N GLY A 291 18.59 4.88 -4.93
CA GLY A 291 20.01 5.20 -4.78
C GLY A 291 20.79 5.08 -6.07
N LEU A 292 20.13 5.39 -7.20
CA LEU A 292 20.79 5.41 -8.51
C LEU A 292 21.39 6.80 -8.83
N LYS A 293 20.91 7.85 -8.14
CA LYS A 293 21.35 9.22 -8.42
C LYS A 293 22.71 9.63 -7.83
N PHE A 294 23.42 8.70 -7.20
CA PHE A 294 24.80 8.94 -6.73
C PHE A 294 25.74 7.81 -7.13
N GLN A 295 25.68 7.41 -8.41
CA GLN A 295 26.64 6.46 -8.99
C GLN A 295 27.84 7.18 -9.62
N ALA A 296 27.64 8.42 -10.09
CA ALA A 296 28.73 9.28 -10.55
C ALA A 296 29.30 10.10 -9.39
N LYS A 297 30.58 10.48 -9.51
CA LYS A 297 31.29 11.21 -8.44
C LYS A 297 30.85 12.67 -8.24
N GLU A 298 30.48 13.35 -9.32
CA GLU A 298 30.12 14.78 -9.26
C GLU A 298 28.91 15.06 -8.35
N PRO A 299 27.82 14.27 -8.49
CA PRO A 299 26.71 14.33 -7.51
C PRO A 299 27.15 14.17 -6.05
N ARG A 300 28.07 13.25 -5.79
CA ARG A 300 28.49 12.93 -4.42
C ARG A 300 29.23 14.07 -3.75
N PHE A 301 30.11 14.75 -4.49
CA PHE A 301 30.85 15.88 -3.93
C PHE A 301 29.92 17.03 -3.56
N GLU A 302 28.91 17.27 -4.39
CA GLU A 302 27.92 18.31 -4.12
C GLU A 302 27.08 17.98 -2.88
N ALA A 303 26.63 16.73 -2.78
CA ALA A 303 25.86 16.25 -1.62
C ALA A 303 26.63 16.35 -0.31
N MET A 304 27.94 16.07 -0.36
CA MET A 304 28.82 16.20 0.80
C MET A 304 29.13 17.67 1.13
N LYS A 305 29.11 18.53 0.11
CA LYS A 305 29.19 19.99 0.31
C LYS A 305 27.94 20.54 1.01
N ALA A 306 26.77 19.99 0.68
CA ALA A 306 25.50 20.37 1.32
C ALA A 306 25.47 19.97 2.80
N MET A 307 25.88 18.74 3.10
CA MET A 307 25.95 18.24 4.47
C MET A 307 27.08 18.92 5.23
N GLU A 308 28.24 19.03 4.59
C ACT B . 1.05 -0.33 4.09
O ACT B . -0.15 -0.19 4.42
OXT ACT B . 1.71 0.62 3.59
CH3 ACT B . 1.71 -1.66 4.29
NI NI C . 4.24 0.86 4.09
#